data_3K24
#
_entry.id   3K24
#
_cell.length_a   62.697
_cell.length_b   62.697
_cell.length_c   205.868
_cell.angle_alpha   90.00
_cell.angle_beta   90.00
_cell.angle_gamma   120.00
#
_symmetry.space_group_name_H-M   'P 32 2 1'
#
loop_
_entity.id
_entity.type
_entity.pdbx_description
1 polymer 'Cathepsin L1'
2 polymer 'H3 peptide'
3 branched 2-acetamido-2-deoxy-alpha-D-glucopyranose-(1-6)-beta-D-mannopyranose-(1-6)-[alpha-D-mannopyranose-(1-2)]alpha-D-mannopyranose-(1-4)-2-acetamido-2-deoxy-alpha-D-glucopyranose-(1-4)-2-acetamido-2-deoxy-beta-D-glucopyranose
4 non-polymer 2-acetamido-2-deoxy-beta-D-glucopyranose
5 water water
#
loop_
_entity_poly.entity_id
_entity_poly.type
_entity_poly.pdbx_seq_one_letter_code
_entity_poly.pdbx_strand_id
1 'polypeptide(L)'
;APRSVDWREKGYVTPVKNQGQCGSAWAFSATGALEGQMFRKTGRLISLSEQNLVDCSGPQGNEGCNGGLMDYAFQYVQDN
GGLDSEESYPYEATEESCKYNPKYSVANDTGFVDIPKQEKALMKAVATVGPISVAIDAGHESFLFYKEGIYFEPDCSSED
MDHGVLVVGYGFESTESDNNKYWLVKNSWGEEWGMGGYVKMAKDRRNHCGIASAASYPTV
;
A,B
2 'polypeptide(L)' QLA C,D
#
# COMPACT_ATOMS: atom_id res chain seq x y z
N ALA A 1 4.47 9.67 21.61
CA ALA A 1 5.93 9.63 22.06
C ALA A 1 6.76 8.66 21.21
N PRO A 2 6.07 7.78 20.46
CA PRO A 2 6.71 6.64 19.80
C PRO A 2 7.92 7.06 18.97
N ARG A 3 8.97 6.24 18.99
CA ARG A 3 10.16 6.49 18.17
C ARG A 3 9.93 6.08 16.71
N SER A 4 8.82 5.40 16.45
CA SER A 4 8.40 5.11 15.08
C SER A 4 6.89 5.17 14.95
N VAL A 5 6.41 5.69 13.83
CA VAL A 5 4.99 5.63 13.48
C VAL A 5 4.78 5.31 12.01
N ASP A 6 3.88 4.37 11.74
CA ASP A 6 3.51 4.03 10.36
C ASP A 6 2.01 3.78 10.25
N TRP A 7 1.29 4.78 9.73
CA TRP A 7 -0.17 4.71 9.70
C TRP A 7 -0.66 3.78 8.62
N ARG A 8 0.23 3.39 7.71
CA ARG A 8 -0.11 2.45 6.65
C ARG A 8 -0.48 1.10 7.24
N GLU A 9 0.18 0.76 8.35
CA GLU A 9 0.01 -0.54 9.01
C GLU A 9 -1.26 -0.59 9.87
N LYS A 10 -1.80 0.58 10.21
CA LYS A 10 -2.98 0.66 11.04
C LYS A 10 -4.24 0.88 10.20
N GLY A 11 -4.05 0.98 8.89
CA GLY A 11 -5.17 0.90 7.95
C GLY A 11 -5.69 2.26 7.55
N TYR A 12 -4.84 3.28 7.67
CA TYR A 12 -5.29 4.66 7.53
C TYR A 12 -5.13 5.16 6.09
N VAL A 13 -4.40 4.41 5.28
CA VAL A 13 -3.81 4.94 4.05
C VAL A 13 -4.21 4.11 2.83
N THR A 14 -4.61 4.79 1.76
CA THR A 14 -4.92 4.12 0.51
C THR A 14 -3.64 3.93 -0.33
N PRO A 15 -3.71 3.04 -1.32
CA PRO A 15 -2.56 2.81 -2.20
C PRO A 15 -2.14 4.08 -2.92
N VAL A 16 -0.87 4.17 -3.27
CA VAL A 16 -0.32 5.36 -3.90
C VAL A 16 -1.10 5.70 -5.18
N LYS A 17 -1.36 6.99 -5.39
CA LYS A 17 -2.03 7.44 -6.59
C LYS A 17 -1.09 8.25 -7.49
N ASN A 18 -1.58 8.63 -8.66
CA ASN A 18 -0.78 9.43 -9.59
C ASN A 18 -1.56 10.62 -10.13
N GLN A 19 -1.08 11.82 -9.86
CA GLN A 19 -1.78 13.04 -10.27
C GLN A 19 -1.63 13.27 -11.76
N GLY A 20 -0.75 12.49 -12.38
CA GLY A 20 -0.37 12.71 -13.77
C GLY A 20 0.17 14.10 -14.01
N GLN A 21 -0.21 14.70 -15.13
CA GLN A 21 0.36 15.96 -15.54
C GLN A 21 -0.60 17.11 -15.21
N CYS A 22 -0.76 17.39 -13.93
CA CYS A 22 -1.79 18.30 -13.44
C CYS A 22 -1.46 18.73 -12.02
N GLY A 23 -1.36 20.04 -11.81
CA GLY A 23 -0.91 20.58 -10.53
C GLY A 23 -1.92 20.37 -9.42
N SER A 24 -2.26 19.12 -9.15
CA SER A 24 -3.39 18.80 -8.29
C SER A 24 -2.94 18.07 -7.02
N ALA A 25 -1.65 18.20 -6.69
CA ALA A 25 -1.10 17.52 -5.53
C ALA A 25 -1.80 17.96 -4.26
N TRP A 26 -2.10 19.25 -4.17
CA TRP A 26 -2.92 19.77 -3.08
C TRP A 26 -4.15 18.90 -2.86
N ALA A 27 -4.65 18.29 -3.92
CA ALA A 27 -5.90 17.53 -3.86
C ALA A 27 -5.66 16.10 -3.42
N PHE A 28 -4.48 15.57 -3.78
CA PHE A 28 -4.09 14.24 -3.32
C PHE A 28 -3.61 14.24 -1.88
N SER A 29 -2.97 15.32 -1.48
CA SER A 29 -2.60 15.51 -0.08
C SER A 29 -3.86 15.64 0.78
N ALA A 30 -4.86 16.34 0.26
CA ALA A 30 -6.09 16.59 1.02
C ALA A 30 -6.90 15.32 1.22
N THR A 31 -7.24 14.64 0.12
CA THR A 31 -7.93 13.35 0.22
C THR A 31 -7.19 12.37 1.12
N GLY A 32 -5.87 12.37 1.05
CA GLY A 32 -5.06 11.50 1.90
C GLY A 32 -5.32 11.73 3.38
N ALA A 33 -5.35 13.00 3.79
CA ALA A 33 -5.60 13.34 5.17
C ALA A 33 -7.05 13.12 5.54
N LEU A 34 -7.95 13.32 4.58
CA LEU A 34 -9.37 13.10 4.82
C LEU A 34 -9.72 11.62 4.83
N GLU A 35 -9.08 10.85 3.96
CA GLU A 35 -9.19 9.39 4.01
C GLU A 35 -8.80 8.85 5.38
N GLY A 36 -7.73 9.42 5.94
CA GLY A 36 -7.22 8.98 7.24
C GLY A 36 -8.18 9.26 8.38
N GLN A 37 -8.70 10.49 8.44
CA GLN A 37 -9.58 10.90 9.52
C GLN A 37 -10.95 10.24 9.41
N MET A 38 -11.38 9.96 8.19
CA MET A 38 -12.60 9.21 7.96
C MET A 38 -12.46 7.77 8.47
N PHE A 39 -11.25 7.24 8.38
CA PHE A 39 -10.98 5.89 8.89
C PHE A 39 -10.98 5.86 10.41
N ARG A 40 -10.26 6.80 11.03
CA ARG A 40 -10.28 6.95 12.48
C ARG A 40 -11.71 7.01 13.00
N LYS A 41 -12.59 7.60 12.22
CA LYS A 41 -13.96 7.86 12.67
C LYS A 41 -14.86 6.63 12.54
N THR A 42 -14.76 5.94 11.42
CA THR A 42 -15.74 4.92 11.06
C THR A 42 -15.14 3.52 10.99
N GLY A 43 -13.82 3.45 10.95
CA GLY A 43 -13.12 2.19 10.70
C GLY A 43 -13.24 1.72 9.27
N ARG A 44 -13.53 2.66 8.36
CA ARG A 44 -13.73 2.32 6.95
C ARG A 44 -12.83 3.15 6.04
N LEU A 45 -11.98 2.47 5.27
CA LEU A 45 -11.08 3.13 4.33
C LEU A 45 -11.69 3.18 2.95
N ILE A 46 -12.26 4.32 2.59
CA ILE A 46 -12.80 4.51 1.27
C ILE A 46 -12.04 5.60 0.53
N SER A 47 -11.62 5.30 -0.70
CA SER A 47 -10.78 6.20 -1.47
C SER A 47 -11.60 7.39 -1.97
N LEU A 48 -10.99 8.58 -1.96
CA LEU A 48 -11.75 9.81 -2.12
C LEU A 48 -11.43 10.51 -3.45
N SER A 49 -12.39 11.27 -3.96
CA SER A 49 -12.31 11.81 -5.31
C SER A 49 -11.50 13.10 -5.38
N GLU A 50 -10.33 13.03 -5.99
CA GLU A 50 -9.51 14.22 -6.24
C GLU A 50 -10.12 15.09 -7.32
N GLN A 51 -10.72 14.46 -8.31
CA GLN A 51 -11.37 15.18 -9.40
C GLN A 51 -12.48 16.07 -8.85
N ASN A 52 -13.26 15.53 -7.91
CA ASN A 52 -14.22 16.33 -7.17
C ASN A 52 -13.62 17.64 -6.67
N LEU A 53 -12.48 17.55 -6.01
CA LEU A 53 -11.77 18.72 -5.53
C LEU A 53 -11.30 19.62 -6.67
N VAL A 54 -10.67 19.02 -7.66
CA VAL A 54 -10.19 19.78 -8.81
C VAL A 54 -11.32 20.55 -9.50
N ASP A 55 -12.47 19.89 -9.63
CA ASP A 55 -13.58 20.43 -10.42
C ASP A 55 -14.38 21.50 -9.66
N CYS A 56 -14.49 21.33 -8.34
CA CYS A 56 -15.57 21.96 -7.60
C CYS A 56 -15.10 22.98 -6.55
N SER A 57 -13.83 22.92 -6.18
CA SER A 57 -13.38 23.63 -4.99
C SER A 57 -12.73 24.98 -5.30
N GLY A 58 -12.95 25.47 -6.52
CA GLY A 58 -12.56 26.84 -6.88
C GLY A 58 -13.09 27.92 -5.95
N PRO A 59 -14.37 27.82 -5.55
CA PRO A 59 -14.93 28.90 -4.76
C PRO A 59 -14.25 29.05 -3.40
N GLN A 60 -13.44 28.06 -3.04
CA GLN A 60 -12.71 28.08 -1.77
C GLN A 60 -11.29 28.59 -1.95
N GLY A 61 -10.85 28.66 -3.21
CA GLY A 61 -9.61 29.37 -3.55
C GLY A 61 -8.72 28.59 -4.49
N ASN A 62 -9.12 27.36 -4.79
CA ASN A 62 -8.29 26.45 -5.57
C ASN A 62 -8.42 26.69 -7.07
N GLU A 63 -7.36 26.39 -7.81
CA GLU A 63 -7.29 26.74 -9.22
C GLU A 63 -6.96 25.50 -10.06
N GLY A 64 -7.52 24.37 -9.65
CA GLY A 64 -7.56 23.18 -10.51
C GLY A 64 -6.19 22.55 -10.71
N CYS A 65 -5.83 22.34 -11.96
CA CYS A 65 -4.49 21.84 -12.30
C CYS A 65 -3.44 22.94 -12.21
N ASN A 66 -3.87 24.16 -11.92
CA ASN A 66 -2.93 25.26 -11.76
C ASN A 66 -2.46 25.41 -10.32
N GLY A 67 -2.98 24.57 -9.42
CA GLY A 67 -2.53 24.55 -8.02
C GLY A 67 -3.63 24.87 -7.03
N GLY A 68 -3.29 24.86 -5.75
CA GLY A 68 -4.28 24.94 -4.68
C GLY A 68 -3.70 24.66 -3.31
N LEU A 69 -4.54 24.79 -2.28
CA LEU A 69 -4.14 24.45 -0.92
C LEU A 69 -5.01 23.34 -0.34
N MET A 70 -4.39 22.46 0.44
CA MET A 70 -5.12 21.47 1.23
C MET A 70 -6.20 22.11 2.11
N ASP A 71 -5.85 23.21 2.77
CA ASP A 71 -6.81 23.88 3.65
C ASP A 71 -8.07 24.28 2.89
N TYR A 72 -7.89 24.86 1.71
CA TYR A 72 -9.02 25.18 0.85
C TYR A 72 -9.87 23.95 0.57
N ALA A 73 -9.24 22.80 0.36
CA ALA A 73 -9.96 21.56 0.09
C ALA A 73 -10.86 21.19 1.26
N PHE A 74 -10.31 21.21 2.47
CA PHE A 74 -11.07 20.89 3.66
C PHE A 74 -12.22 21.86 3.84
N GLN A 75 -11.99 23.11 3.48
CA GLN A 75 -13.02 24.14 3.53
C GLN A 75 -14.18 23.84 2.58
N TYR A 76 -13.86 23.30 1.40
CA TYR A 76 -14.89 22.96 0.41
C TYR A 76 -15.76 21.80 0.87
N VAL A 77 -15.13 20.75 1.38
CA VAL A 77 -15.89 19.63 1.94
C VAL A 77 -16.87 20.08 3.02
N GLN A 78 -16.49 21.11 3.78
CA GLN A 78 -17.38 21.67 4.79
C GLN A 78 -18.54 22.43 4.16
N ASP A 79 -18.23 23.56 3.55
CA ASP A 79 -19.19 24.31 2.74
C ASP A 79 -20.11 23.39 1.93
N ASN A 80 -19.53 22.43 1.22
CA ASN A 80 -20.28 21.59 0.30
C ASN A 80 -21.18 20.58 1.02
N GLY A 81 -20.77 20.15 2.20
CA GLY A 81 -21.48 19.11 2.94
C GLY A 81 -21.29 17.73 2.35
N GLY A 82 -20.11 17.47 1.80
CA GLY A 82 -19.72 16.11 1.43
C GLY A 82 -18.66 16.06 0.35
N LEU A 83 -18.13 14.87 0.10
CA LEU A 83 -17.21 14.66 -1.01
C LEU A 83 -17.41 13.27 -1.61
N ASP A 84 -17.36 13.18 -2.93
CA ASP A 84 -17.69 11.95 -3.62
C ASP A 84 -16.53 10.97 -3.53
N SER A 85 -16.84 9.68 -3.67
CA SER A 85 -15.81 8.65 -3.68
C SER A 85 -14.98 8.70 -4.96
N GLU A 86 -13.78 8.13 -4.91
CA GLU A 86 -12.97 7.90 -6.09
C GLU A 86 -13.74 7.11 -7.14
N GLU A 87 -14.42 6.05 -6.72
CA GLU A 87 -15.17 5.21 -7.63
C GLU A 87 -16.22 6.03 -8.40
N SER A 88 -16.94 6.88 -7.68
CA SER A 88 -18.12 7.55 -8.23
C SER A 88 -17.71 8.75 -9.08
N TYR A 89 -16.49 9.22 -8.89
CA TYR A 89 -16.03 10.48 -9.50
C TYR A 89 -14.55 10.37 -9.83
N PRO A 90 -14.22 9.56 -10.85
CA PRO A 90 -12.86 9.09 -11.08
C PRO A 90 -11.92 10.21 -11.53
N TYR A 91 -10.63 10.03 -11.33
CA TYR A 91 -9.65 11.06 -11.61
C TYR A 91 -9.29 11.09 -13.09
N GLU A 92 -9.10 12.29 -13.62
CA GLU A 92 -8.95 12.45 -15.06
C GLU A 92 -7.75 13.31 -15.45
N ALA A 93 -7.14 13.93 -14.46
CA ALA A 93 -5.88 14.67 -14.66
C ALA A 93 -6.08 15.92 -15.52
N THR A 94 -7.31 16.42 -15.54
CA THR A 94 -7.60 17.69 -16.20
C THR A 94 -8.82 18.34 -15.56
N GLU A 95 -8.95 19.66 -15.71
CA GLU A 95 -10.02 20.40 -15.06
C GLU A 95 -11.30 20.31 -15.88
N GLU A 96 -12.37 19.86 -15.24
CA GLU A 96 -13.69 19.80 -15.88
C GLU A 96 -14.71 20.56 -15.05
N SER A 97 -15.92 20.73 -15.58
CA SER A 97 -16.99 21.35 -14.82
C SER A 97 -17.44 20.43 -13.68
N CYS A 98 -17.99 21.02 -12.63
CA CYS A 98 -18.25 20.29 -11.39
C CYS A 98 -19.38 19.27 -11.56
N LYS A 99 -19.11 18.03 -11.17
CA LYS A 99 -20.08 16.95 -11.34
C LYS A 99 -20.44 16.32 -9.99
N TYR A 100 -20.26 17.06 -8.91
CA TYR A 100 -20.55 16.52 -7.58
C TYR A 100 -22.00 16.08 -7.46
N ASN A 101 -22.22 15.03 -6.68
CA ASN A 101 -23.52 14.41 -6.57
C ASN A 101 -23.77 13.90 -5.14
N PRO A 102 -24.59 14.63 -4.37
CA PRO A 102 -24.66 14.40 -2.94
C PRO A 102 -24.97 12.94 -2.60
N LYS A 103 -25.54 12.22 -3.57
CA LYS A 103 -25.90 10.82 -3.38
C LYS A 103 -24.66 9.94 -3.17
N TYR A 104 -23.53 10.41 -3.67
CA TYR A 104 -22.33 9.58 -3.75
C TYR A 104 -21.27 10.04 -2.76
N SER A 105 -21.66 10.94 -1.87
CA SER A 105 -20.80 11.37 -0.78
C SER A 105 -20.50 10.19 0.14
N VAL A 106 -19.27 10.13 0.64
CA VAL A 106 -18.85 9.08 1.55
C VAL A 106 -17.92 9.63 2.62
N ALA A 107 -17.76 10.95 2.61
CA ALA A 107 -16.92 11.62 3.60
C ALA A 107 -17.43 13.00 3.96
N ASN A 108 -17.09 13.45 5.17
CA ASN A 108 -17.45 14.77 5.66
C ASN A 108 -16.25 15.39 6.36
N ASP A 109 -16.28 16.71 6.52
CA ASP A 109 -15.38 17.36 7.45
C ASP A 109 -15.99 18.63 8.03
N THR A 110 -15.29 19.21 9.01
CA THR A 110 -15.95 20.01 10.03
C THR A 110 -15.13 21.24 10.37
N GLY A 111 -14.26 21.62 9.44
CA GLY A 111 -13.12 22.47 9.77
C GLY A 111 -11.80 21.77 9.50
N PHE A 112 -10.71 22.50 9.67
CA PHE A 112 -9.39 21.88 9.75
C PHE A 112 -8.56 22.52 10.86
N VAL A 113 -7.36 21.98 11.09
CA VAL A 113 -6.42 22.58 12.03
C VAL A 113 -5.03 22.69 11.42
N ASP A 114 -4.34 23.79 11.72
CA ASP A 114 -2.97 23.98 11.26
C ASP A 114 -1.97 23.79 12.41
N ILE A 115 -1.16 22.75 12.30
CA ILE A 115 0.02 22.61 13.14
C ILE A 115 0.95 23.82 12.98
N PRO A 116 1.38 24.42 14.10
CA PRO A 116 2.39 25.46 14.05
C PRO A 116 3.68 24.97 13.40
N LYS A 117 4.59 25.91 13.10
CA LYS A 117 5.74 25.64 12.25
C LYS A 117 6.90 25.02 13.05
N GLN A 118 6.71 23.79 13.51
CA GLN A 118 7.72 23.13 14.33
C GLN A 118 7.74 21.62 14.10
N GLU A 119 8.90 21.10 13.69
CA GLU A 119 9.05 19.66 13.50
C GLU A 119 8.74 18.90 14.77
N LYS A 120 8.71 19.62 15.89
CA LYS A 120 8.26 19.04 17.16
C LYS A 120 6.75 18.88 17.19
N ALA A 121 6.03 19.95 16.84
CA ALA A 121 4.58 19.90 16.70
C ALA A 121 4.16 18.88 15.65
N LEU A 122 4.93 18.80 14.58
CA LEU A 122 4.61 17.89 13.48
C LEU A 122 4.88 16.43 13.85
N MET A 123 5.85 16.20 14.72
CA MET A 123 6.04 14.89 15.32
C MET A 123 4.83 14.52 16.19
N LYS A 124 4.46 15.44 17.08
CA LYS A 124 3.27 15.26 17.91
C LYS A 124 2.07 14.85 17.07
N ALA A 125 1.83 15.58 15.99
CA ALA A 125 0.53 15.56 15.33
C ALA A 125 0.35 14.27 14.55
N VAL A 126 1.39 13.86 13.84
CA VAL A 126 1.46 12.51 13.29
C VAL A 126 1.09 11.48 14.35
N ALA A 127 1.75 11.53 15.49
CA ALA A 127 1.58 10.53 16.54
C ALA A 127 0.15 10.51 17.08
N THR A 128 -0.44 11.70 17.22
CA THR A 128 -1.74 11.83 17.88
C THR A 128 -2.88 11.50 16.93
N VAL A 129 -2.87 12.12 15.75
CA VAL A 129 -4.10 12.36 15.00
C VAL A 129 -4.27 11.36 13.85
N GLY A 130 -3.22 11.20 13.06
CA GLY A 130 -3.34 10.58 11.73
C GLY A 130 -2.28 11.09 10.77
N PRO A 131 -2.37 10.66 9.50
CA PRO A 131 -1.51 11.24 8.47
C PRO A 131 -1.79 12.72 8.32
N ILE A 132 -0.77 13.50 7.98
CA ILE A 132 -0.88 14.95 7.98
C ILE A 132 -0.56 15.52 6.59
N SER A 133 -1.39 16.44 6.11
CA SER A 133 -1.11 17.15 4.88
C SER A 133 -0.02 18.19 5.09
N VAL A 134 1.04 18.10 4.29
CA VAL A 134 2.16 19.03 4.39
C VAL A 134 2.62 19.48 3.02
N ALA A 135 3.30 20.62 2.97
CA ALA A 135 3.84 21.14 1.73
C ALA A 135 5.37 21.14 1.79
N ILE A 136 5.99 20.84 0.66
CA ILE A 136 7.44 20.73 0.59
C ILE A 136 8.02 21.43 -0.64
N ASP A 137 9.24 21.96 -0.51
CA ASP A 137 10.04 22.32 -1.67
C ASP A 137 10.52 21.07 -2.39
N ALA A 138 9.85 20.75 -3.49
CA ALA A 138 10.14 19.53 -4.24
C ALA A 138 10.89 19.86 -5.53
N GLY A 139 11.32 21.12 -5.65
CA GLY A 139 11.68 21.67 -6.96
C GLY A 139 13.13 21.43 -7.31
N HIS A 140 13.64 20.25 -6.98
CA HIS A 140 15.02 19.90 -7.26
C HIS A 140 15.11 18.53 -7.92
N GLU A 141 16.10 18.35 -8.78
CA GLU A 141 16.18 17.18 -9.64
C GLU A 141 16.52 15.93 -8.83
N SER A 142 17.11 16.14 -7.66
CA SER A 142 17.36 15.05 -6.73
C SER A 142 16.06 14.44 -6.19
N PHE A 143 15.01 15.26 -6.13
CA PHE A 143 13.70 14.77 -5.71
C PHE A 143 13.01 13.99 -6.83
N LEU A 144 13.16 14.48 -8.05
CA LEU A 144 12.73 13.74 -9.24
C LEU A 144 13.28 12.31 -9.21
N PHE A 145 14.57 12.19 -8.94
CA PHE A 145 15.31 10.96 -9.20
C PHE A 145 15.33 10.03 -7.99
N TYR A 146 14.79 10.52 -6.87
CA TYR A 146 14.92 9.80 -5.61
C TYR A 146 14.47 8.35 -5.75
N LYS A 147 15.27 7.44 -5.20
CA LYS A 147 15.01 6.01 -5.35
C LYS A 147 14.88 5.33 -3.99
N GLU A 148 15.70 5.75 -3.03
CA GLU A 148 15.70 5.18 -1.69
C GLU A 148 16.55 6.01 -0.75
N GLY A 149 16.60 5.60 0.50
CA GLY A 149 17.42 6.29 1.50
C GLY A 149 16.70 7.48 2.08
N ILE A 150 17.45 8.35 2.75
CA ILE A 150 16.85 9.46 3.48
C ILE A 150 17.19 10.78 2.80
N TYR A 151 16.16 11.43 2.25
CA TYR A 151 16.35 12.48 1.28
C TYR A 151 16.86 13.75 1.97
N PHE A 152 18.02 14.23 1.53
CA PHE A 152 18.52 15.53 1.95
C PHE A 152 19.07 16.30 0.76
N GLU A 153 18.66 17.56 0.64
CA GLU A 153 19.00 18.38 -0.52
C GLU A 153 19.46 19.76 -0.08
N PRO A 154 20.78 20.03 -0.23
CA PRO A 154 21.39 21.23 0.32
C PRO A 154 20.67 22.52 -0.07
N ASP A 155 20.14 22.56 -1.30
CA ASP A 155 19.49 23.76 -1.81
C ASP A 155 17.98 23.77 -1.54
N CYS A 156 17.51 22.87 -0.69
CA CYS A 156 16.10 22.88 -0.30
C CYS A 156 15.73 24.09 0.54
N SER A 157 14.58 24.68 0.23
CA SER A 157 14.08 25.82 0.98
C SER A 157 13.06 25.41 2.05
N SER A 158 13.03 26.16 3.15
CA SER A 158 12.12 25.88 4.26
C SER A 158 10.99 26.90 4.27
N GLU A 159 10.99 27.79 3.28
CA GLU A 159 10.00 28.86 3.20
C GLU A 159 9.23 28.80 1.89
N ASP A 160 9.88 28.31 0.84
CA ASP A 160 9.26 28.26 -0.49
C ASP A 160 8.93 26.82 -0.89
N MET A 161 7.75 26.36 -0.51
CA MET A 161 7.27 25.03 -0.87
C MET A 161 6.34 25.11 -2.08
N ASP A 162 6.26 24.02 -2.83
CA ASP A 162 5.63 24.05 -4.15
C ASP A 162 4.79 22.81 -4.44
N HIS A 163 4.68 21.91 -3.45
CA HIS A 163 4.16 20.57 -3.71
C HIS A 163 3.60 19.92 -2.46
N GLY A 164 2.32 19.56 -2.49
CA GLY A 164 1.66 18.98 -1.32
C GLY A 164 1.82 17.48 -1.24
N VAL A 165 2.16 16.98 -0.05
CA VAL A 165 2.32 15.55 0.16
C VAL A 165 1.68 15.09 1.47
N LEU A 166 1.90 13.84 1.83
CA LEU A 166 1.27 13.27 3.01
C LEU A 166 2.26 12.57 3.94
N VAL A 167 2.44 13.12 5.13
CA VAL A 167 3.21 12.44 6.16
C VAL A 167 2.38 11.33 6.80
N VAL A 168 2.74 10.09 6.52
CA VAL A 168 2.06 8.95 7.13
C VAL A 168 2.88 8.35 8.26
N GLY A 169 4.06 8.92 8.51
CA GLY A 169 4.68 8.84 9.83
C GLY A 169 6.14 9.23 9.83
N TYR A 170 6.90 8.62 10.73
CA TYR A 170 8.34 8.87 10.83
C TYR A 170 9.06 7.65 11.40
N GLY A 171 10.33 7.51 11.06
CA GLY A 171 11.16 6.47 11.64
C GLY A 171 12.52 6.97 12.07
N PHE A 172 13.46 6.05 12.24
CA PHE A 172 14.87 6.39 12.34
C PHE A 172 15.72 5.28 11.72
N GLU A 173 16.98 5.60 11.42
CA GLU A 173 17.83 4.72 10.64
C GLU A 173 18.56 3.68 11.52
N SER A 174 19.29 4.15 12.52
CA SER A 174 20.56 3.52 12.90
C SER A 174 20.58 3.03 14.34
N THR A 175 19.63 2.16 14.70
CA THR A 175 19.58 1.61 16.05
C THR A 175 20.13 2.58 17.10
N GLU A 176 19.45 3.71 17.26
CA GLU A 176 19.96 4.83 18.03
C GLU A 176 19.23 6.11 17.64
N SER A 177 20.00 7.18 17.41
CA SER A 177 19.73 8.10 16.31
C SER A 177 19.68 9.56 16.76
N ASP A 178 20.52 10.39 16.16
CA ASP A 178 20.36 11.83 16.26
C ASP A 178 19.66 12.43 15.03
N ASN A 179 19.39 11.59 14.04
CA ASN A 179 20.42 11.07 13.14
C ASN A 179 20.60 9.56 13.19
N ASN A 180 20.02 8.87 12.22
CA ASN A 180 19.37 9.54 11.10
C ASN A 180 17.86 9.37 11.09
N LYS A 181 17.14 10.46 11.32
CA LYS A 181 15.69 10.42 11.43
C LYS A 181 15.04 10.82 10.12
N TYR A 182 13.92 10.18 9.79
CA TYR A 182 13.22 10.47 8.55
C TYR A 182 11.73 10.64 8.79
N TRP A 183 11.13 11.54 8.02
CA TRP A 183 9.69 11.54 7.80
C TRP A 183 9.31 10.51 6.74
N LEU A 184 8.17 9.86 6.94
CA LEU A 184 7.62 8.92 5.97
C LEU A 184 6.54 9.59 5.14
N VAL A 185 6.83 9.85 3.86
CA VAL A 185 6.01 10.76 3.08
C VAL A 185 5.44 10.09 1.83
N LYS A 186 4.11 10.05 1.75
CA LYS A 186 3.43 9.53 0.58
C LYS A 186 3.27 10.60 -0.49
N ASN A 187 3.76 10.31 -1.68
CA ASN A 187 3.66 11.23 -2.81
C ASN A 187 2.55 10.76 -3.77
N SER A 188 2.26 11.58 -4.77
CA SER A 188 1.21 11.27 -5.73
C SER A 188 1.74 11.26 -7.16
N TRP A 189 2.90 10.63 -7.34
CA TRP A 189 3.53 10.55 -8.65
C TRP A 189 3.58 9.11 -9.13
N GLY A 190 2.63 8.29 -8.68
CA GLY A 190 2.62 6.87 -9.02
C GLY A 190 3.61 6.07 -8.20
N GLU A 191 3.42 4.75 -8.18
CA GLU A 191 4.26 3.86 -7.37
C GLU A 191 5.66 3.70 -7.97
N GLU A 192 5.80 4.11 -9.22
CA GLU A 192 7.05 3.93 -9.96
C GLU A 192 8.10 4.92 -9.49
N TRP A 193 7.65 6.03 -8.90
CA TRP A 193 8.56 7.04 -8.33
C TRP A 193 8.99 6.64 -6.92
N GLY A 194 10.18 7.08 -6.54
CA GLY A 194 10.63 6.97 -5.16
C GLY A 194 10.61 5.52 -4.71
N MET A 195 10.25 5.31 -3.44
CA MET A 195 10.20 3.97 -2.87
C MET A 195 8.79 3.42 -2.95
N GLY A 196 8.44 2.87 -4.11
CA GLY A 196 7.06 2.54 -4.42
C GLY A 196 6.10 3.69 -4.11
N GLY A 197 6.52 4.91 -4.41
CA GLY A 197 5.66 6.07 -4.26
C GLY A 197 5.90 6.87 -2.98
N TYR A 198 6.69 6.30 -2.07
CA TYR A 198 6.98 6.95 -0.79
C TYR A 198 8.36 7.54 -0.80
N VAL A 199 8.65 8.39 0.19
CA VAL A 199 9.97 8.95 0.37
C VAL A 199 10.27 9.17 1.85
N LYS A 200 11.42 8.67 2.29
CA LYS A 200 11.95 9.03 3.60
C LYS A 200 12.68 10.37 3.52
N MET A 201 12.31 11.29 4.39
CA MET A 201 12.83 12.66 4.30
C MET A 201 13.37 13.19 5.62
N ALA A 202 14.57 13.78 5.55
CA ALA A 202 15.26 14.25 6.74
C ALA A 202 14.30 14.87 7.74
N LYS A 203 14.36 14.41 8.99
CA LYS A 203 13.53 14.95 10.06
C LYS A 203 14.40 15.53 11.17
N ASP A 204 13.92 16.63 11.76
CA ASP A 204 14.76 17.45 12.64
C ASP A 204 16.13 17.70 12.02
N ARG A 205 16.13 18.13 10.77
CA ARG A 205 17.29 18.78 10.18
C ARG A 205 16.96 20.20 9.74
N ARG A 206 16.62 21.04 10.70
CA ARG A 206 16.27 22.43 10.41
C ARG A 206 15.14 22.51 9.38
N ASN A 207 13.98 21.98 9.75
CA ASN A 207 12.80 22.02 8.89
C ASN A 207 13.11 21.79 7.42
N HIS A 208 13.69 20.64 7.12
CA HIS A 208 14.23 20.39 5.79
C HIS A 208 13.14 20.42 4.72
N CYS A 209 13.34 21.24 3.70
CA CYS A 209 12.36 21.42 2.62
C CYS A 209 11.03 21.96 3.14
N GLY A 210 11.03 22.45 4.37
CA GLY A 210 9.88 23.15 4.92
C GLY A 210 8.72 22.23 5.21
N ILE A 211 9.03 20.98 5.52
CA ILE A 211 8.03 19.94 5.69
C ILE A 211 7.01 20.31 6.77
N ALA A 212 7.33 21.31 7.58
CA ALA A 212 6.53 21.62 8.74
C ALA A 212 5.95 23.04 8.65
N SER A 213 6.28 23.74 7.57
CA SER A 213 5.94 25.15 7.44
C SER A 213 4.46 25.32 7.09
N ALA A 214 3.83 24.24 6.68
CA ALA A 214 2.46 24.29 6.18
C ALA A 214 1.74 22.95 6.37
N ALA A 215 1.73 22.48 7.60
CA ALA A 215 1.04 21.23 7.94
C ALA A 215 -0.38 21.50 8.42
N SER A 216 -1.24 20.49 8.28
CA SER A 216 -2.66 20.66 8.58
C SER A 216 -3.39 19.33 8.44
N TYR A 217 -4.66 19.32 8.82
CA TYR A 217 -5.49 18.13 8.73
C TYR A 217 -6.94 18.50 8.99
N PRO A 218 -7.88 17.65 8.58
CA PRO A 218 -9.30 17.95 8.73
C PRO A 218 -9.86 17.43 10.04
N THR A 219 -10.67 18.25 10.72
CA THR A 219 -11.48 17.76 11.82
C THR A 219 -12.77 17.16 11.29
N VAL A 220 -13.29 16.17 12.02
CA VAL A 220 -14.38 15.33 11.51
C VAL A 220 -15.49 15.18 12.55
N ALA B 1 -11.83 -11.61 -17.85
CA ALA B 1 -11.93 -10.96 -19.18
C ALA B 1 -11.45 -9.50 -19.15
N PRO B 2 -11.67 -8.80 -18.03
CA PRO B 2 -11.12 -7.45 -17.99
C PRO B 2 -9.61 -7.47 -18.23
N ARG B 3 -9.13 -6.54 -19.04
CA ARG B 3 -7.75 -6.60 -19.52
C ARG B 3 -6.77 -6.09 -18.49
N SER B 4 -7.30 -5.46 -17.45
CA SER B 4 -6.48 -5.02 -16.31
C SER B 4 -7.19 -5.26 -14.99
N VAL B 5 -6.42 -5.63 -13.98
CA VAL B 5 -6.94 -5.81 -12.64
C VAL B 5 -5.90 -5.41 -11.60
N ASP B 6 -6.36 -4.76 -10.53
CA ASP B 6 -5.49 -4.45 -9.39
C ASP B 6 -6.28 -4.38 -8.09
N TRP B 7 -6.16 -5.42 -7.27
CA TRP B 7 -6.98 -5.55 -6.06
C TRP B 7 -6.55 -4.60 -4.95
N ARG B 8 -5.36 -4.04 -5.07
CA ARG B 8 -4.91 -3.04 -4.13
C ARG B 8 -5.86 -1.85 -4.12
N GLU B 9 -6.17 -1.36 -5.32
CA GLU B 9 -7.07 -0.22 -5.46
C GLU B 9 -8.46 -0.53 -4.89
N LYS B 10 -8.83 -1.80 -4.87
CA LYS B 10 -10.17 -2.19 -4.48
C LYS B 10 -10.27 -2.45 -2.97
N GLY B 11 -9.13 -2.47 -2.29
CA GLY B 11 -9.10 -2.47 -0.84
C GLY B 11 -8.79 -3.82 -0.21
N TYR B 12 -8.21 -4.72 -1.00
CA TYR B 12 -8.10 -6.14 -0.62
C TYR B 12 -6.76 -6.46 0.04
N VAL B 13 -5.80 -5.55 -0.06
CA VAL B 13 -4.40 -5.88 0.15
C VAL B 13 -3.78 -4.99 1.22
N THR B 14 -3.15 -5.63 2.21
CA THR B 14 -2.44 -4.89 3.25
C THR B 14 -1.10 -4.39 2.71
N PRO B 15 -0.41 -3.52 3.48
CA PRO B 15 0.90 -3.06 3.04
C PRO B 15 1.91 -4.20 3.00
N VAL B 16 3.07 -3.94 2.41
CA VAL B 16 4.06 -4.98 2.23
C VAL B 16 4.76 -5.32 3.54
N LYS B 17 4.90 -6.62 3.80
CA LYS B 17 5.51 -7.07 5.04
C LYS B 17 6.88 -7.64 4.75
N ASN B 18 7.61 -7.98 5.80
CA ASN B 18 8.97 -8.46 5.68
C ASN B 18 9.19 -9.75 6.46
N GLN B 19 9.41 -10.85 5.74
CA GLN B 19 9.53 -12.16 6.39
C GLN B 19 10.84 -12.28 7.18
N GLY B 20 11.75 -11.35 6.95
CA GLY B 20 13.06 -11.40 7.57
C GLY B 20 13.87 -12.62 7.16
N GLN B 21 14.70 -13.11 8.08
CA GLN B 21 15.60 -14.22 7.79
C GLN B 21 14.99 -15.53 8.26
N CYS B 22 13.85 -15.88 7.69
CA CYS B 22 13.11 -17.07 8.09
C CYS B 22 12.26 -17.51 6.91
N GLY B 23 12.26 -18.82 6.65
CA GLY B 23 11.70 -19.34 5.42
C GLY B 23 10.19 -19.42 5.46
N SER B 24 9.55 -18.28 5.70
CA SER B 24 8.14 -18.27 6.11
C SER B 24 7.23 -17.69 5.03
N ALA B 25 7.78 -17.51 3.83
CA ALA B 25 7.05 -16.86 2.74
C ALA B 25 5.69 -17.51 2.49
N TRP B 26 5.63 -18.83 2.67
CA TRP B 26 4.36 -19.57 2.51
C TRP B 26 3.30 -19.02 3.45
N ALA B 27 3.74 -18.48 4.59
CA ALA B 27 2.81 -17.94 5.58
C ALA B 27 2.32 -16.56 5.17
N PHE B 28 3.20 -15.75 4.61
CA PHE B 28 2.85 -14.42 4.13
C PHE B 28 1.98 -14.50 2.88
N SER B 29 2.25 -15.46 2.02
CA SER B 29 1.42 -15.68 0.85
C SER B 29 0.02 -16.11 1.24
N ALA B 30 -0.07 -17.01 2.23
CA ALA B 30 -1.36 -17.49 2.70
C ALA B 30 -2.17 -16.36 3.33
N THR B 31 -1.55 -15.61 4.25
CA THR B 31 -2.27 -14.56 4.96
C THR B 31 -2.71 -13.45 4.03
N GLY B 32 -1.89 -13.15 3.01
CA GLY B 32 -2.29 -12.25 1.94
C GLY B 32 -3.57 -12.71 1.25
N ALA B 33 -3.65 -14.00 0.97
CA ALA B 33 -4.79 -14.53 0.23
C ALA B 33 -6.06 -14.46 1.09
N LEU B 34 -5.92 -14.87 2.35
CA LEU B 34 -7.05 -14.90 3.27
C LEU B 34 -7.44 -13.49 3.72
N GLU B 35 -6.48 -12.57 3.71
CA GLU B 35 -6.78 -11.16 3.90
C GLU B 35 -7.75 -10.65 2.84
N GLY B 36 -7.48 -11.01 1.59
CA GLY B 36 -8.39 -10.73 0.49
C GLY B 36 -9.78 -11.26 0.71
N GLN B 37 -9.90 -12.57 0.92
CA GLN B 37 -11.22 -13.20 0.98
C GLN B 37 -12.03 -12.73 2.19
N MET B 38 -11.36 -12.46 3.30
CA MET B 38 -12.03 -11.87 4.46
C MET B 38 -12.60 -10.49 4.14
N PHE B 39 -11.86 -9.72 3.35
CA PHE B 39 -12.32 -8.41 2.92
C PHE B 39 -13.53 -8.53 1.99
N ARG B 40 -13.49 -9.51 1.10
CA ARG B 40 -14.64 -9.82 0.26
C ARG B 40 -15.85 -10.14 1.13
N LYS B 41 -15.63 -10.94 2.17
CA LYS B 41 -16.71 -11.40 3.03
C LYS B 41 -17.32 -10.26 3.84
N THR B 42 -16.46 -9.50 4.54
CA THR B 42 -16.93 -8.65 5.63
C THR B 42 -16.75 -7.16 5.36
N GLY B 43 -16.03 -6.84 4.29
CA GLY B 43 -15.76 -5.45 3.94
C GLY B 43 -14.74 -4.82 4.88
N ARG B 44 -14.14 -5.65 5.72
CA ARG B 44 -13.14 -5.18 6.68
C ARG B 44 -11.80 -5.82 6.37
N LEU B 45 -10.78 -4.98 6.16
CA LEU B 45 -9.46 -5.46 5.81
C LEU B 45 -8.55 -5.50 7.03
N ILE B 46 -8.19 -6.70 7.46
CA ILE B 46 -7.45 -6.88 8.70
C ILE B 46 -6.20 -7.72 8.49
N SER B 47 -5.07 -7.19 8.90
CA SER B 47 -3.81 -7.92 8.85
C SER B 47 -3.87 -9.18 9.72
N LEU B 48 -3.29 -10.27 9.23
CA LEU B 48 -3.37 -11.56 9.92
C LEU B 48 -1.99 -12.09 10.30
N SER B 49 -1.97 -13.06 11.21
CA SER B 49 -0.74 -13.48 11.86
C SER B 49 0.01 -14.52 11.04
N GLU B 50 1.10 -14.09 10.40
CA GLU B 50 2.09 -15.01 9.88
C GLU B 50 2.62 -15.96 10.96
N GLN B 51 2.85 -15.42 12.15
CA GLN B 51 3.54 -16.17 13.20
C GLN B 51 2.64 -17.28 13.72
N ASN B 52 1.34 -16.98 13.75
CA ASN B 52 0.33 -17.98 14.10
C ASN B 52 0.43 -19.21 13.22
N LEU B 53 0.58 -18.98 11.92
CA LEU B 53 0.85 -20.05 10.97
C LEU B 53 2.19 -20.73 11.26
N VAL B 54 3.24 -19.92 11.35
CA VAL B 54 4.57 -20.47 11.57
C VAL B 54 4.55 -21.43 12.75
N ASP B 55 3.89 -21.03 13.84
CA ASP B 55 3.99 -21.75 15.11
C ASP B 55 3.10 -22.99 15.15
N CYS B 56 1.95 -22.94 14.50
CA CYS B 56 0.88 -23.87 14.81
C CYS B 56 0.54 -24.87 13.71
N SER B 57 0.89 -24.55 12.46
CA SER B 57 0.44 -25.37 11.34
C SER B 57 1.44 -26.48 10.97
N GLY B 58 2.27 -26.86 11.94
CA GLY B 58 3.05 -28.08 11.83
C GLY B 58 2.19 -29.27 11.43
N PRO B 59 1.09 -29.50 12.17
CA PRO B 59 0.37 -30.75 12.02
C PRO B 59 -0.36 -30.84 10.70
N GLN B 60 -0.37 -29.74 9.94
CA GLN B 60 -0.91 -29.76 8.59
C GLN B 60 0.16 -30.04 7.55
N GLY B 61 1.42 -29.94 7.95
CA GLY B 61 2.54 -30.30 7.08
C GLY B 61 3.55 -29.20 6.85
N ASN B 62 3.34 -28.04 7.49
CA ASN B 62 4.30 -26.95 7.43
C ASN B 62 5.47 -27.11 8.39
N GLU B 63 6.61 -26.53 8.02
CA GLU B 63 7.86 -26.75 8.74
C GLU B 63 8.47 -25.42 9.15
N GLY B 64 7.63 -24.52 9.65
CA GLY B 64 8.10 -23.26 10.24
C GLY B 64 8.97 -22.44 9.30
N CYS B 65 10.14 -22.02 9.79
CA CYS B 65 11.11 -21.27 9.00
C CYS B 65 11.79 -22.13 7.95
N ASN B 66 11.60 -23.44 8.03
CA ASN B 66 12.14 -24.34 7.01
C ASN B 66 11.18 -24.51 5.83
N GLY B 67 10.05 -23.83 5.88
CA GLY B 67 9.18 -23.71 4.73
C GLY B 67 7.87 -24.45 4.88
N GLY B 68 7.04 -24.38 3.85
CA GLY B 68 5.67 -24.89 3.93
C GLY B 68 4.87 -24.60 2.69
N LEU B 69 3.58 -24.92 2.73
CA LEU B 69 2.71 -24.70 1.59
C LEU B 69 1.54 -23.79 1.97
N MET B 70 1.15 -22.91 1.04
CA MET B 70 -0.04 -22.10 1.23
C MET B 70 -1.29 -22.95 1.51
N ASP B 71 -1.42 -24.06 0.80
CA ASP B 71 -2.57 -24.93 0.98
C ASP B 71 -2.63 -25.50 2.40
N TYR B 72 -1.49 -25.94 2.91
CA TYR B 72 -1.39 -26.40 4.29
C TYR B 72 -1.83 -25.32 5.26
N ALA B 73 -1.37 -24.09 5.00
CA ALA B 73 -1.80 -22.95 5.80
C ALA B 73 -3.33 -22.82 5.82
N PHE B 74 -3.96 -22.95 4.66
CA PHE B 74 -5.42 -22.84 4.57
C PHE B 74 -6.11 -23.98 5.29
N GLN B 75 -5.54 -25.18 5.19
CA GLN B 75 -6.07 -26.34 5.90
C GLN B 75 -6.04 -26.12 7.41
N TYR B 76 -4.97 -25.51 7.90
CA TYR B 76 -4.84 -25.25 9.33
C TYR B 76 -5.97 -24.35 9.82
N VAL B 77 -6.18 -23.24 9.11
CA VAL B 77 -7.23 -22.32 9.47
C VAL B 77 -8.59 -23.01 9.53
N GLN B 78 -8.83 -23.95 8.62
CA GLN B 78 -10.09 -24.68 8.58
C GLN B 78 -10.23 -25.62 9.77
N ASP B 79 -9.18 -26.37 10.06
CA ASP B 79 -9.18 -27.35 11.16
C ASP B 79 -9.21 -26.63 12.50
N ASN B 80 -8.44 -25.56 12.60
CA ASN B 80 -8.28 -24.83 13.85
C ASN B 80 -9.53 -24.02 14.18
N GLY B 81 -10.29 -23.67 13.13
CA GLY B 81 -11.46 -22.80 13.27
C GLY B 81 -11.09 -21.38 13.63
N GLY B 82 -9.92 -20.93 13.20
CA GLY B 82 -9.64 -19.49 13.14
C GLY B 82 -8.16 -19.14 13.07
N LEU B 83 -7.89 -17.84 13.09
CA LEU B 83 -6.53 -17.33 12.91
C LEU B 83 -6.44 -15.92 13.48
N ASP B 84 -5.40 -15.67 14.28
CA ASP B 84 -5.30 -14.42 15.02
C ASP B 84 -4.83 -13.27 14.12
N SER B 85 -5.16 -12.05 14.52
CA SER B 85 -4.69 -10.85 13.83
C SER B 85 -3.20 -10.67 14.01
N GLU B 86 -2.57 -10.01 13.04
CA GLU B 86 -1.19 -9.56 13.18
C GLU B 86 -0.97 -8.85 14.51
N GLU B 87 -1.82 -7.87 14.79
CA GLU B 87 -1.73 -7.12 16.04
C GLU B 87 -1.58 -8.06 17.24
N SER B 88 -2.40 -9.11 17.29
CA SER B 88 -2.55 -9.91 18.50
C SER B 88 -1.45 -10.96 18.63
N TYR B 89 -0.78 -11.25 17.52
CA TYR B 89 0.18 -12.34 17.44
C TYR B 89 1.31 -11.94 16.50
N PRO B 90 2.15 -10.98 16.94
CA PRO B 90 3.08 -10.27 16.07
C PRO B 90 4.12 -11.19 15.45
N TYR B 91 4.67 -10.79 14.31
CA TYR B 91 5.70 -11.58 13.62
C TYR B 91 7.06 -11.46 14.29
N GLU B 92 7.70 -12.60 14.50
CA GLU B 92 8.96 -12.65 15.23
C GLU B 92 10.09 -13.21 14.37
N ALA B 93 9.73 -13.82 13.25
CA ALA B 93 10.72 -14.30 12.28
C ALA B 93 11.48 -15.49 12.84
N THR B 94 11.01 -16.06 13.94
CA THR B 94 11.53 -17.33 14.42
C THR B 94 10.42 -18.32 14.79
N GLU B 95 10.76 -19.60 14.82
CA GLU B 95 9.80 -20.64 15.16
C GLU B 95 9.62 -20.78 16.67
N GLU B 96 8.38 -20.68 17.13
CA GLU B 96 8.07 -20.78 18.55
C GLU B 96 6.95 -21.81 18.81
N SER B 97 6.65 -22.04 20.07
CA SER B 97 5.49 -22.85 20.45
C SER B 97 4.19 -22.12 20.12
N CYS B 98 3.15 -22.89 19.85
CA CYS B 98 1.89 -22.31 19.40
C CYS B 98 1.23 -21.47 20.50
N LYS B 99 0.78 -20.28 20.14
CA LYS B 99 0.14 -19.39 21.11
C LYS B 99 -1.23 -18.95 20.63
N TYR B 100 -1.87 -19.78 19.80
CA TYR B 100 -3.17 -19.43 19.24
C TYR B 100 -4.17 -19.14 20.36
N ASN B 101 -4.89 -18.04 20.21
CA ASN B 101 -5.93 -17.67 21.16
C ASN B 101 -7.25 -17.37 20.47
N PRO B 102 -8.26 -18.23 20.69
CA PRO B 102 -9.48 -18.19 19.90
C PRO B 102 -10.18 -16.84 19.99
N LYS B 103 -9.90 -16.10 21.06
CA LYS B 103 -10.61 -14.87 21.36
C LYS B 103 -10.08 -13.71 20.53
N TYR B 104 -8.85 -13.85 20.05
CA TYR B 104 -8.25 -12.85 19.16
C TYR B 104 -8.30 -13.29 17.70
N SER B 105 -9.10 -14.31 17.43
CA SER B 105 -9.29 -14.77 16.06
C SER B 105 -10.17 -13.81 15.27
N VAL B 106 -9.76 -13.51 14.05
CA VAL B 106 -10.45 -12.52 13.23
C VAL B 106 -10.71 -13.08 11.84
N ALA B 107 -10.34 -14.34 11.64
CA ALA B 107 -10.42 -14.95 10.32
C ALA B 107 -10.85 -16.41 10.40
N ASN B 108 -11.67 -16.81 9.44
CA ASN B 108 -11.97 -18.22 9.19
C ASN B 108 -11.70 -18.52 7.73
N ASP B 109 -11.59 -19.81 7.41
CA ASP B 109 -11.79 -20.26 6.05
C ASP B 109 -12.54 -21.58 5.99
N THR B 110 -12.96 -21.94 4.78
CA THR B 110 -14.02 -22.92 4.59
C THR B 110 -13.50 -24.10 3.77
N GLY B 111 -12.22 -24.04 3.42
CA GLY B 111 -11.67 -24.82 2.32
C GLY B 111 -10.69 -24.00 1.52
N PHE B 112 -10.12 -24.62 0.50
CA PHE B 112 -9.31 -23.90 -0.47
C PHE B 112 -9.44 -24.54 -1.83
N VAL B 113 -9.21 -23.76 -2.88
CA VAL B 113 -9.25 -24.28 -4.25
C VAL B 113 -7.89 -24.16 -4.93
N ASP B 114 -7.47 -25.24 -5.57
CA ASP B 114 -6.28 -25.25 -6.39
C ASP B 114 -6.63 -24.96 -7.85
N ILE B 115 -5.89 -24.03 -8.44
CA ILE B 115 -6.16 -23.61 -9.81
C ILE B 115 -5.38 -24.49 -10.79
N PRO B 116 -6.00 -24.81 -11.93
CA PRO B 116 -5.29 -25.59 -12.93
C PRO B 116 -4.00 -24.89 -13.33
N LYS B 117 -3.01 -25.67 -13.77
CA LYS B 117 -1.65 -25.18 -13.93
C LYS B 117 -1.46 -24.48 -15.28
N GLN B 118 -2.35 -23.54 -15.59
CA GLN B 118 -2.19 -22.70 -16.77
C GLN B 118 -2.41 -21.24 -16.38
N GLU B 119 -1.82 -20.33 -17.14
CA GLU B 119 -2.00 -18.91 -16.91
C GLU B 119 -3.39 -18.43 -17.31
N LYS B 120 -3.98 -19.07 -18.31
CA LYS B 120 -5.39 -18.82 -18.63
C LYS B 120 -6.26 -18.89 -17.37
N ALA B 121 -6.18 -20.01 -16.65
CA ALA B 121 -6.99 -20.20 -15.45
C ALA B 121 -6.60 -19.25 -14.32
N LEU B 122 -5.30 -18.99 -14.17
CA LEU B 122 -4.82 -17.99 -13.24
C LEU B 122 -5.45 -16.63 -13.51
N MET B 123 -5.51 -16.25 -14.78
CA MET B 123 -6.14 -14.98 -15.17
C MET B 123 -7.61 -14.93 -14.77
N LYS B 124 -8.36 -15.98 -15.08
CA LYS B 124 -9.74 -16.06 -14.64
C LYS B 124 -9.86 -15.91 -13.12
N ALA B 125 -8.93 -16.51 -12.38
CA ALA B 125 -9.02 -16.52 -10.93
C ALA B 125 -8.67 -15.15 -10.34
N VAL B 126 -7.59 -14.55 -10.82
CA VAL B 126 -7.21 -13.20 -10.41
C VAL B 126 -8.28 -12.17 -10.78
N ALA B 127 -8.93 -12.38 -11.92
CA ALA B 127 -10.01 -11.49 -12.33
C ALA B 127 -11.21 -11.57 -11.39
N THR B 128 -11.47 -12.77 -10.86
CA THR B 128 -12.75 -13.06 -10.21
C THR B 128 -12.63 -12.99 -8.69
N VAL B 129 -11.59 -13.63 -8.15
CA VAL B 129 -11.56 -13.99 -6.73
C VAL B 129 -10.99 -12.85 -5.90
N GLY B 130 -9.83 -12.37 -6.31
CA GLY B 130 -8.99 -11.57 -5.45
C GLY B 130 -7.55 -12.02 -5.57
N PRO B 131 -6.66 -11.46 -4.75
CA PRO B 131 -5.28 -11.90 -4.74
C PRO B 131 -5.19 -13.42 -4.64
N ILE B 132 -4.23 -14.02 -5.35
CA ILE B 132 -4.11 -15.46 -5.41
C ILE B 132 -2.74 -15.89 -4.93
N SER B 133 -2.69 -16.87 -4.03
CA SER B 133 -1.42 -17.43 -3.59
C SER B 133 -0.75 -18.20 -4.73
N VAL B 134 0.51 -17.89 -4.98
CA VAL B 134 1.26 -18.63 -6.00
C VAL B 134 2.70 -18.88 -5.56
N ALA B 135 3.36 -19.79 -6.26
CA ALA B 135 4.78 -20.05 -6.04
C ALA B 135 5.57 -19.72 -7.31
N ILE B 136 6.69 -19.04 -7.14
CA ILE B 136 7.58 -18.76 -8.26
C ILE B 136 8.98 -19.29 -8.02
N ASP B 137 9.71 -19.53 -9.11
CA ASP B 137 11.16 -19.71 -9.03
C ASP B 137 11.84 -18.38 -8.79
N ALA B 138 12.23 -18.13 -7.55
CA ALA B 138 12.77 -16.83 -7.15
C ALA B 138 14.27 -16.91 -6.85
N GLY B 139 14.89 -18.05 -7.16
CA GLY B 139 16.25 -18.30 -6.72
C GLY B 139 17.29 -17.81 -7.70
N HIS B 140 17.07 -16.60 -8.24
CA HIS B 140 18.02 -15.99 -9.17
C HIS B 140 18.34 -14.57 -8.74
N GLU B 141 19.58 -14.14 -8.98
CA GLU B 141 20.05 -12.88 -8.44
C GLU B 141 19.39 -11.70 -9.15
N SER B 142 19.08 -11.88 -10.43
CA SER B 142 18.26 -10.90 -11.14
C SER B 142 17.00 -10.57 -10.35
N PHE B 143 16.51 -11.54 -9.57
CA PHE B 143 15.29 -11.36 -8.79
C PHE B 143 15.56 -10.66 -7.46
N LEU B 144 16.65 -11.05 -6.80
CA LEU B 144 17.20 -10.28 -5.69
C LEU B 144 17.29 -8.79 -6.03
N PHE B 145 17.83 -8.49 -7.21
CA PHE B 145 18.27 -7.14 -7.53
C PHE B 145 17.21 -6.35 -8.30
N TYR B 146 16.02 -6.94 -8.44
CA TYR B 146 14.95 -6.32 -9.22
C TYR B 146 14.55 -4.96 -8.63
N LYS B 147 14.19 -4.02 -9.51
CA LYS B 147 13.85 -2.67 -9.09
C LYS B 147 12.62 -2.12 -9.81
N GLU B 148 12.48 -2.44 -11.09
CA GLU B 148 11.42 -1.86 -11.92
C GLU B 148 11.28 -2.64 -13.24
N GLY B 149 10.13 -2.48 -13.90
CA GLY B 149 9.90 -3.08 -15.21
C GLY B 149 9.31 -4.47 -15.15
N ILE B 150 9.12 -5.09 -16.33
CA ILE B 150 8.62 -6.46 -16.39
C ILE B 150 9.75 -7.47 -16.21
N TYR B 151 9.68 -8.25 -15.14
CA TYR B 151 10.75 -9.18 -14.79
C TYR B 151 10.74 -10.40 -15.69
N PHE B 152 11.82 -10.58 -16.46
CA PHE B 152 12.03 -11.82 -17.21
C PHE B 152 13.42 -12.40 -16.98
N GLU B 153 13.48 -13.67 -16.58
CA GLU B 153 14.73 -14.32 -16.23
C GLU B 153 14.92 -15.61 -17.00
N PRO B 154 15.93 -15.65 -17.89
CA PRO B 154 16.02 -16.70 -18.89
C PRO B 154 16.21 -18.08 -18.27
N ASP B 155 16.81 -18.12 -17.09
CA ASP B 155 17.09 -19.39 -16.41
C ASP B 155 15.96 -19.81 -15.46
N CYS B 156 14.85 -19.07 -15.49
CA CYS B 156 13.73 -19.37 -14.61
C CYS B 156 13.08 -20.71 -14.94
N SER B 157 12.66 -21.43 -13.90
CA SER B 157 12.06 -22.73 -14.10
C SER B 157 10.55 -22.71 -13.87
N SER B 158 9.83 -23.52 -14.63
CA SER B 158 8.37 -23.58 -14.53
C SER B 158 7.88 -24.73 -13.65
N GLU B 159 8.81 -25.54 -13.16
CA GLU B 159 8.43 -26.70 -12.36
C GLU B 159 9.08 -26.72 -10.98
N ASP B 160 10.18 -25.99 -10.84
CA ASP B 160 10.92 -25.95 -9.58
C ASP B 160 10.80 -24.60 -8.89
N MET B 161 9.69 -24.40 -8.19
CA MET B 161 9.43 -23.17 -7.47
C MET B 161 9.96 -23.29 -6.05
N ASP B 162 10.30 -22.14 -5.44
CA ASP B 162 10.91 -22.15 -4.12
C ASP B 162 10.44 -21.01 -3.22
N HIS B 163 9.50 -20.22 -3.70
CA HIS B 163 9.12 -18.99 -3.01
C HIS B 163 7.63 -18.71 -3.16
N GLY B 164 6.96 -18.46 -2.04
CA GLY B 164 5.53 -18.14 -2.05
C GLY B 164 5.27 -16.66 -2.09
N VAL B 165 4.39 -16.23 -3.00
CA VAL B 165 3.99 -14.83 -3.10
C VAL B 165 2.51 -14.70 -3.46
N LEU B 166 2.12 -13.50 -3.87
CA LEU B 166 0.70 -13.16 -3.98
C LEU B 166 0.45 -12.35 -5.24
N VAL B 167 -0.38 -12.89 -6.14
CA VAL B 167 -0.79 -12.16 -7.33
C VAL B 167 -2.00 -11.29 -7.04
N VAL B 168 -1.81 -9.98 -7.09
CA VAL B 168 -2.86 -9.03 -6.70
C VAL B 168 -3.47 -8.33 -7.92
N GLY B 169 -2.97 -8.65 -9.10
CA GLY B 169 -3.52 -8.08 -10.32
C GLY B 169 -2.77 -8.52 -11.57
N TYR B 170 -3.07 -7.87 -12.68
CA TYR B 170 -2.34 -8.07 -13.92
C TYR B 170 -2.68 -6.95 -14.89
N GLY B 171 -1.92 -6.85 -15.98
CA GLY B 171 -1.87 -5.61 -16.75
C GLY B 171 -1.16 -5.78 -18.07
N PHE B 172 -1.01 -4.67 -18.79
CA PHE B 172 -0.23 -4.65 -20.02
C PHE B 172 0.46 -3.29 -20.19
N GLU B 173 1.36 -3.21 -21.14
CA GLU B 173 2.27 -2.06 -21.24
C GLU B 173 1.54 -0.78 -21.65
N SER B 174 0.73 -0.86 -22.69
CA SER B 174 1.22 -0.84 -24.06
C SER B 174 0.21 -0.17 -24.98
N THR B 175 -1.08 -0.34 -24.67
CA THR B 175 -2.17 0.01 -25.59
C THR B 175 -2.31 -0.98 -26.72
N GLU B 176 -1.21 -1.60 -27.12
CA GLU B 176 -1.21 -2.57 -28.21
C GLU B 176 -0.71 -3.94 -27.73
N SER B 177 -0.76 -4.92 -28.64
CA SER B 177 0.06 -6.12 -28.52
C SER B 177 -0.68 -7.22 -27.74
N ASP B 178 -0.22 -8.46 -27.90
CA ASP B 178 -0.42 -9.49 -26.90
C ASP B 178 0.80 -9.56 -25.97
N ASN B 179 1.69 -8.59 -26.11
CA ASN B 179 3.03 -8.71 -25.55
C ASN B 179 3.36 -7.61 -24.55
N ASN B 180 4.41 -7.82 -23.77
CA ASN B 180 4.57 -7.16 -22.48
C ASN B 180 3.26 -7.09 -21.68
N LYS B 181 2.66 -8.25 -21.44
CA LYS B 181 1.76 -8.43 -20.31
C LYS B 181 2.56 -8.77 -19.05
N TYR B 182 1.99 -8.46 -17.90
CA TYR B 182 2.64 -8.75 -16.63
C TYR B 182 1.63 -9.17 -15.56
N TRP B 183 2.06 -10.09 -14.70
CA TRP B 183 1.43 -10.30 -13.40
C TRP B 183 1.90 -9.24 -12.40
N LEU B 184 0.98 -8.81 -11.54
CA LEU B 184 1.31 -7.89 -10.45
C LEU B 184 1.45 -8.70 -9.18
N VAL B 185 2.67 -8.78 -8.65
CA VAL B 185 2.98 -9.72 -7.58
C VAL B 185 3.44 -9.01 -6.32
N LYS B 186 2.86 -9.40 -5.18
CA LYS B 186 3.31 -8.91 -3.88
C LYS B 186 4.28 -9.90 -3.25
N ASN B 187 5.46 -9.41 -2.88
CA ASN B 187 6.47 -10.20 -2.20
C ASN B 187 6.47 -9.87 -0.70
N SER B 188 7.29 -10.57 0.07
CA SER B 188 7.39 -10.33 1.50
C SER B 188 8.84 -10.04 1.91
N TRP B 189 9.51 -9.23 1.12
CA TRP B 189 10.88 -8.88 1.37
C TRP B 189 11.01 -7.42 1.80
N GLY B 190 9.96 -6.91 2.45
CA GLY B 190 9.88 -5.52 2.83
C GLY B 190 9.75 -4.60 1.62
N GLU B 191 9.46 -3.33 1.89
CA GLU B 191 9.10 -2.39 0.83
C GLU B 191 10.34 -1.79 0.17
N GLU B 192 11.51 -2.08 0.73
CA GLU B 192 12.77 -1.65 0.12
C GLU B 192 13.08 -2.45 -1.14
N TRP B 193 12.67 -3.72 -1.16
CA TRP B 193 12.95 -4.59 -2.29
C TRP B 193 12.03 -4.26 -3.47
N GLY B 194 12.51 -4.54 -4.67
CA GLY B 194 11.66 -4.47 -5.86
C GLY B 194 11.02 -3.10 -6.04
N MET B 195 9.84 -3.09 -6.64
CA MET B 195 9.06 -1.87 -6.76
C MET B 195 8.15 -1.67 -5.56
N GLY B 196 8.66 -0.97 -4.55
CA GLY B 196 7.93 -0.80 -3.30
C GLY B 196 7.40 -2.13 -2.78
N GLY B 197 8.21 -3.17 -2.91
CA GLY B 197 7.85 -4.50 -2.40
C GLY B 197 7.22 -5.36 -3.47
N TYR B 198 6.98 -4.77 -4.64
CA TYR B 198 6.21 -5.42 -5.70
C TYR B 198 7.08 -5.75 -6.89
N VAL B 199 6.61 -6.68 -7.72
CA VAL B 199 7.31 -7.03 -8.95
C VAL B 199 6.30 -7.35 -10.05
N LYS B 200 6.49 -6.75 -11.22
CA LYS B 200 5.73 -7.12 -12.40
C LYS B 200 6.45 -8.26 -13.09
N MET B 201 5.74 -9.36 -13.30
CA MET B 201 6.36 -10.59 -13.78
C MET B 201 5.74 -11.06 -15.08
N ALA B 202 6.57 -11.45 -16.04
CA ALA B 202 6.14 -11.71 -17.39
C ALA B 202 4.93 -12.62 -17.41
N LYS B 203 3.87 -12.19 -18.10
CA LYS B 203 2.64 -12.96 -18.19
C LYS B 203 2.46 -13.57 -19.58
N ASP B 204 1.99 -14.82 -19.62
CA ASP B 204 1.70 -15.49 -20.89
C ASP B 204 2.96 -15.63 -21.75
N ARG B 205 4.12 -15.66 -21.11
CA ARG B 205 5.33 -16.16 -21.74
C ARG B 205 5.67 -17.54 -21.22
N ARG B 206 4.77 -18.49 -21.47
CA ARG B 206 5.01 -19.89 -21.16
C ARG B 206 5.27 -20.09 -19.67
N ASN B 207 4.26 -19.78 -18.86
CA ASN B 207 4.33 -20.01 -17.42
C ASN B 207 5.68 -19.61 -16.84
N HIS B 208 6.08 -18.37 -17.08
CA HIS B 208 7.39 -17.89 -16.67
C HIS B 208 7.57 -18.00 -15.16
N CYS B 209 8.63 -18.70 -14.75
CA CYS B 209 8.96 -18.88 -13.35
C CYS B 209 7.93 -19.69 -12.57
N GLY B 210 7.08 -20.43 -13.29
CA GLY B 210 6.18 -21.39 -12.65
C GLY B 210 5.04 -20.74 -11.89
N ILE B 211 4.69 -19.53 -12.30
CA ILE B 211 3.80 -18.70 -11.51
C ILE B 211 2.37 -19.29 -11.45
N ALA B 212 2.03 -20.13 -12.42
CA ALA B 212 0.72 -20.76 -12.45
C ALA B 212 0.72 -22.24 -12.04
N SER B 213 1.83 -22.71 -11.47
CA SER B 213 2.02 -24.13 -11.23
C SER B 213 1.55 -24.59 -9.85
N ALA B 214 1.54 -23.67 -8.89
CA ALA B 214 1.09 -23.98 -7.53
C ALA B 214 0.24 -22.86 -6.98
N ALA B 215 -0.79 -22.49 -7.72
CA ALA B 215 -1.65 -21.38 -7.36
C ALA B 215 -2.91 -21.89 -6.67
N SER B 216 -3.46 -21.09 -5.77
CA SER B 216 -4.58 -21.52 -4.93
C SER B 216 -5.10 -20.38 -4.06
N TYR B 217 -6.22 -20.61 -3.37
CA TYR B 217 -6.81 -19.60 -2.50
C TYR B 217 -7.84 -20.21 -1.57
N PRO B 218 -8.08 -19.57 -0.42
CA PRO B 218 -9.06 -20.07 0.55
C PRO B 218 -10.48 -19.68 0.16
N THR B 219 -11.43 -20.56 0.42
CA THR B 219 -12.84 -20.19 0.44
C THR B 219 -13.27 -19.78 1.84
N VAL B 220 -14.15 -18.79 1.92
CA VAL B 220 -14.57 -18.25 3.21
C VAL B 220 -16.09 -18.19 3.37
N GLN C 1 8.17 -27.80 -0.67
CA GLN C 1 8.13 -26.71 0.34
C GLN C 1 8.69 -25.40 -0.21
N LEU C 2 8.02 -24.30 0.09
CA LEU C 2 8.45 -22.98 -0.33
C LEU C 2 8.86 -22.15 0.89
N ALA C 3 9.90 -21.33 0.74
CA ALA C 3 10.60 -20.78 1.90
C ALA C 3 10.48 -19.26 1.95
N GLN D 1 0.57 28.92 -3.80
CA GLN D 1 -0.19 27.65 -4.01
C GLN D 1 0.76 26.45 -4.08
N LEU D 2 0.18 25.25 -4.03
CA LEU D 2 0.95 24.02 -4.18
C LEU D 2 0.39 23.17 -5.32
N ALA D 3 1.28 22.57 -6.11
CA ALA D 3 0.95 22.15 -7.47
C ALA D 3 1.03 20.64 -7.67
#